data_6QD5
#
_entry.id   6QD5
#
_cell.length_a   112.331
_cell.length_b   112.331
_cell.length_c   87.940
_cell.angle_alpha   90.00
_cell.angle_beta   90.00
_cell.angle_gamma   120.00
#
_symmetry.space_group_name_H-M   'P 63'
#
loop_
_entity.id
_entity.type
_entity.pdbx_description
1 polymer 'Urea transporter 1'
2 non-polymer 'octyl beta-D-glucopyranoside'
3 non-polymer 'CHOLESTEROL HEMISUCCINATE'
4 non-polymer 'TETRAETHYLENE GLYCOL'
5 water water
#
_entity_poly.entity_id   1
_entity_poly.type   'polypeptide(L)'
_entity_poly.pdbx_seq_one_letter_code
;MFPKALGYVTGDMKELANQLKDKPVVLQFIDWILRGISQVVFVNNPVSGILILVGLLVQNPWWALTGWLGTVVSTLMALL
LSQDRSLIASGLYGYNATLVGVLMAVFSDKGDYFWWLLLPVCAMSMTCPIFSSALNSVLSKWDLPVFTLPFNMALSMYLS
ATGHYNPFFPAKLVIPITTAPQISWSDLSALELLKSIPVGVGQIYGCDNPWTGGIFLGAILLSSPLMCLHAAIGSLLGIA
AGLSLSAPFENIYFGLWGFNSSLACIAMGGMFMALTWQTHLLALGCALFTAYLGVGMANFMAEVGLPACTWPFCLATLLF
LIMTTKNSNIYKMPLSKVTYPEENRIFYLQAKKRMVESPLAENLYFQ
;
_entity_poly.pdbx_strand_id   A
#
loop_
_chem_comp.id
_chem_comp.type
_chem_comp.name
_chem_comp.formula
BOG D-saccharide 'octyl beta-D-glucopyranoside' 'C14 H28 O6'
PG4 non-polymer 'TETRAETHYLENE GLYCOL' 'C8 H18 O5'
Y01 non-polymer 'CHOLESTEROL HEMISUCCINATE' 'C31 H50 O4'
#
# COMPACT_ATOMS: atom_id res chain seq x y z
N PHE A 2 -12.34 11.56 24.98
CA PHE A 2 -11.26 10.84 24.31
C PHE A 2 -11.32 9.31 24.52
N PRO A 3 -11.41 8.82 25.76
CA PRO A 3 -11.40 7.36 25.94
C PRO A 3 -12.63 6.67 25.37
N LYS A 4 -13.81 7.23 25.57
CA LYS A 4 -15.02 6.65 25.00
C LYS A 4 -15.05 6.78 23.49
N ALA A 5 -14.86 8.00 22.97
CA ALA A 5 -14.94 8.22 21.54
C ALA A 5 -13.84 7.48 20.79
N LEU A 6 -12.72 7.17 21.45
CA LEU A 6 -11.59 6.54 20.77
C LEU A 6 -11.97 5.17 20.23
N GLY A 7 -12.36 4.25 21.10
CA GLY A 7 -12.69 2.88 20.73
C GLY A 7 -13.59 2.74 19.52
N TYR A 8 -14.42 3.77 19.28
CA TYR A 8 -15.30 3.80 18.14
C TYR A 8 -14.54 4.00 16.83
N VAL A 9 -13.35 4.60 16.89
CA VAL A 9 -12.57 4.89 15.67
C VAL A 9 -11.32 4.04 15.54
N THR A 10 -11.03 3.17 16.50
CA THR A 10 -9.89 2.28 16.29
C THR A 10 -10.33 1.09 15.45
N GLY A 11 -9.37 0.24 15.12
CA GLY A 11 -9.68 -1.02 14.47
C GLY A 11 -10.21 -0.82 13.06
N ASP A 12 -11.21 -1.61 12.71
CA ASP A 12 -11.85 -1.55 11.40
C ASP A 12 -13.26 -0.97 11.48
N MET A 13 -13.60 -0.35 12.61
CA MET A 13 -14.87 0.31 12.85
C MET A 13 -16.07 -0.51 12.35
N LYS A 14 -16.20 -1.73 12.90
CA LYS A 14 -17.27 -2.60 12.39
C LYS A 14 -18.63 -2.16 12.91
N GLU A 15 -18.68 -1.47 14.05
CA GLU A 15 -19.95 -0.91 14.54
C GLU A 15 -20.52 0.12 13.56
N LEU A 16 -19.66 1.00 13.03
CA LEU A 16 -20.11 1.96 12.04
C LEU A 16 -20.52 1.25 10.75
N ALA A 17 -19.75 0.23 10.34
CA ALA A 17 -20.13 -0.59 9.20
C ALA A 17 -21.51 -1.19 9.38
N ASN A 18 -21.82 -1.64 10.60
CA ASN A 18 -23.10 -2.28 10.85
C ASN A 18 -24.21 -1.26 10.88
N GLN A 19 -23.96 -0.09 11.49
CA GLN A 19 -24.98 0.95 11.57
C GLN A 19 -25.23 1.60 10.23
N LEU A 20 -24.29 1.51 9.28
CA LEU A 20 -24.52 2.08 7.97
C LEU A 20 -25.40 1.22 7.08
N LYS A 21 -25.54 -0.08 7.40
CA LYS A 21 -26.29 -0.98 6.54
C LYS A 21 -27.74 -0.56 6.35
N ASP A 22 -28.32 0.23 7.26
CA ASP A 22 -29.68 0.72 7.07
C ASP A 22 -29.74 2.18 6.62
N LYS A 23 -28.63 2.89 6.60
CA LYS A 23 -28.60 4.32 6.31
C LYS A 23 -28.73 4.57 4.81
N PRO A 24 -28.95 5.83 4.39
CA PRO A 24 -29.03 6.14 2.96
C PRO A 24 -27.82 5.64 2.18
N VAL A 25 -28.08 5.16 0.97
CA VAL A 25 -27.07 4.44 0.18
C VAL A 25 -25.88 5.32 -0.17
N VAL A 26 -26.05 6.63 -0.19
CA VAL A 26 -24.94 7.53 -0.52
C VAL A 26 -23.92 7.58 0.62
N LEU A 27 -24.40 7.55 1.87
CA LEU A 27 -23.49 7.47 3.01
C LEU A 27 -22.71 6.17 2.99
N GLN A 28 -23.38 5.05 2.71
CA GLN A 28 -22.69 3.77 2.54
C GLN A 28 -21.63 3.87 1.47
N PHE A 29 -21.95 4.53 0.36
CA PHE A 29 -20.97 4.65 -0.73
C PHE A 29 -19.74 5.45 -0.29
N ILE A 30 -19.95 6.55 0.42
CA ILE A 30 -18.81 7.34 0.89
C ILE A 30 -17.97 6.53 1.86
N ASP A 31 -18.62 5.77 2.75
CA ASP A 31 -17.89 4.86 3.62
C ASP A 31 -17.03 3.86 2.82
N TRP A 32 -17.58 3.32 1.73
CA TRP A 32 -16.79 2.38 0.93
C TRP A 32 -15.61 3.07 0.25
N ILE A 33 -15.78 4.35 -0.13
CA ILE A 33 -14.69 5.09 -0.76
C ILE A 33 -13.55 5.30 0.24
N LEU A 34 -13.90 5.74 1.45
CA LEU A 34 -12.88 6.05 2.43
C LEU A 34 -12.16 4.78 2.87
N ARG A 35 -12.89 3.67 2.98
CA ARG A 35 -12.23 2.41 3.32
C ARG A 35 -11.34 1.92 2.18
N GLY A 36 -11.79 2.12 0.94
CA GLY A 36 -10.93 1.83 -0.20
C GLY A 36 -9.61 2.59 -0.14
N ILE A 37 -9.67 3.87 0.19
CA ILE A 37 -8.45 4.66 0.31
C ILE A 37 -7.55 4.09 1.39
N SER A 38 -8.12 3.77 2.56
CA SER A 38 -7.26 3.30 3.65
C SER A 38 -6.72 1.89 3.42
N GLN A 39 -7.34 1.08 2.55
CA GLN A 39 -6.87 -0.29 2.31
C GLN A 39 -5.55 -0.34 1.55
N VAL A 40 -5.12 0.77 0.96
CA VAL A 40 -3.76 0.84 0.43
C VAL A 40 -2.76 0.41 1.49
N VAL A 41 -3.02 0.71 2.77
CA VAL A 41 -2.11 0.28 3.83
C VAL A 41 -2.76 -0.79 4.71
N PHE A 42 -3.59 -1.64 4.12
CA PHE A 42 -4.28 -2.74 4.79
C PHE A 42 -5.21 -2.28 5.89
N VAL A 43 -5.53 -1.00 5.96
CA VAL A 43 -6.42 -0.50 6.98
C VAL A 43 -7.84 -0.45 6.42
N ASN A 44 -8.81 -0.92 7.18
CA ASN A 44 -10.22 -0.89 6.80
C ASN A 44 -10.94 0.10 7.72
N ASN A 45 -10.68 1.40 7.51
CA ASN A 45 -11.21 2.40 8.44
C ASN A 45 -11.41 3.75 7.74
N PRO A 46 -12.65 4.24 7.69
CA PRO A 46 -12.92 5.46 6.91
C PRO A 46 -12.35 6.73 7.55
N VAL A 47 -12.20 6.78 8.87
CA VAL A 47 -11.51 7.91 9.49
C VAL A 47 -10.04 7.94 9.07
N SER A 48 -9.39 6.78 9.03
CA SER A 48 -8.04 6.73 8.49
C SER A 48 -8.03 7.15 7.02
N GLY A 49 -9.09 6.79 6.27
CA GLY A 49 -9.18 7.22 4.88
C GLY A 49 -9.29 8.73 4.75
N ILE A 50 -10.01 9.37 5.67
CA ILE A 50 -10.09 10.83 5.68
C ILE A 50 -8.72 11.43 5.97
N LEU A 51 -8.02 10.88 6.96
CA LEU A 51 -6.69 11.42 7.30
C LEU A 51 -5.72 11.23 6.15
N ILE A 52 -5.80 10.09 5.45
CA ILE A 52 -4.94 9.84 4.30
C ILE A 52 -5.27 10.79 3.17
N LEU A 53 -6.55 11.11 3.00
CA LEU A 53 -6.95 12.16 2.05
C LEU A 53 -6.32 13.50 2.42
N VAL A 54 -6.34 13.85 3.70
CA VAL A 54 -5.73 15.09 4.15
C VAL A 54 -4.24 15.08 3.83
N GLY A 55 -3.57 13.95 4.06
CA GLY A 55 -2.16 13.86 3.72
C GLY A 55 -1.91 14.00 2.24
N LEU A 56 -2.76 13.37 1.42
CA LEU A 56 -2.69 13.55 -0.03
C LEU A 56 -2.85 15.03 -0.41
N LEU A 57 -3.76 15.72 0.27
CA LEU A 57 -4.00 17.13 -0.01
C LEU A 57 -2.81 17.99 0.40
N VAL A 58 -2.14 17.61 1.50
CA VAL A 58 -0.95 18.32 1.91
C VAL A 58 0.18 18.10 0.91
N GLN A 59 0.25 16.92 0.32
CA GLN A 59 1.26 16.67 -0.71
C GLN A 59 0.99 17.46 -1.98
N ASN A 60 -0.24 17.35 -2.52
CA ASN A 60 -0.64 17.89 -3.82
C ASN A 60 -2.12 17.62 -4.02
N PRO A 61 -2.97 18.65 -3.87
CA PRO A 61 -4.41 18.47 -4.11
C PRO A 61 -4.75 17.83 -5.46
N TRP A 62 -3.97 18.06 -6.52
CA TRP A 62 -4.25 17.40 -7.80
C TRP A 62 -4.18 15.87 -7.67
N TRP A 63 -3.16 15.37 -6.95
CA TRP A 63 -3.06 13.93 -6.72
C TRP A 63 -4.18 13.45 -5.82
N ALA A 64 -4.58 14.28 -4.86
CA ALA A 64 -5.74 13.92 -4.04
C ALA A 64 -6.96 13.72 -4.92
N LEU A 65 -7.14 14.62 -5.88
CA LEU A 65 -8.29 14.56 -6.77
C LEU A 65 -8.27 13.28 -7.61
N THR A 66 -7.16 13.02 -8.28
CA THR A 66 -7.15 11.88 -9.20
C THR A 66 -7.20 10.55 -8.43
N GLY A 67 -6.63 10.49 -7.22
CA GLY A 67 -6.77 9.28 -6.43
C GLY A 67 -8.21 9.06 -5.97
N TRP A 68 -8.87 10.13 -5.50
CA TRP A 68 -10.26 10.02 -5.11
C TRP A 68 -11.15 9.61 -6.29
N LEU A 69 -10.95 10.28 -7.45
CA LEU A 69 -11.71 9.94 -8.66
C LEU A 69 -11.53 8.48 -9.04
N GLY A 70 -10.30 7.97 -8.99
CA GLY A 70 -10.09 6.57 -9.30
C GLY A 70 -10.82 5.66 -8.34
N THR A 71 -10.76 5.96 -7.04
CA THR A 71 -11.47 5.13 -6.08
C THR A 71 -12.96 5.08 -6.41
N VAL A 72 -13.54 6.24 -6.75
CA VAL A 72 -14.98 6.30 -7.02
C VAL A 72 -15.32 5.48 -8.26
N VAL A 73 -14.55 5.64 -9.34
CA VAL A 73 -14.87 4.94 -10.59
C VAL A 73 -14.71 3.44 -10.42
N SER A 74 -13.65 2.98 -9.78
CA SER A 74 -13.50 1.55 -9.54
C SER A 74 -14.62 0.99 -8.66
N THR A 75 -15.03 1.73 -7.62
CA THR A 75 -16.11 1.23 -6.78
C THR A 75 -17.40 1.07 -7.59
N LEU A 76 -17.72 2.10 -8.39
CA LEU A 76 -18.89 2.04 -9.29
C LEU A 76 -18.78 0.87 -10.26
N MET A 77 -17.61 0.69 -10.87
CA MET A 77 -17.42 -0.43 -11.79
C MET A 77 -17.65 -1.76 -11.09
N ALA A 78 -17.07 -1.94 -9.90
CA ALA A 78 -17.27 -3.18 -9.15
C ALA A 78 -18.75 -3.46 -8.93
N LEU A 79 -19.54 -2.41 -8.71
CA LEU A 79 -20.97 -2.63 -8.56
C LEU A 79 -21.62 -2.97 -9.91
N LEU A 80 -21.25 -2.25 -10.96
CA LEU A 80 -21.80 -2.53 -12.28
C LEU A 80 -21.55 -3.98 -12.69
N LEU A 81 -20.38 -4.51 -12.31
CA LEU A 81 -19.94 -5.88 -12.62
C LEU A 81 -20.38 -6.92 -11.58
N SER A 82 -21.26 -6.55 -10.65
CA SER A 82 -21.84 -7.50 -9.70
C SER A 82 -20.76 -8.23 -8.88
N GLN A 83 -19.79 -7.46 -8.38
CA GLN A 83 -18.83 -8.08 -7.48
C GLN A 83 -19.40 -8.27 -6.07
N ASP A 84 -18.74 -9.12 -5.31
CA ASP A 84 -19.09 -9.41 -3.91
C ASP A 84 -19.21 -8.12 -3.09
N ARG A 85 -20.35 -7.98 -2.40
CA ARG A 85 -20.65 -6.77 -1.65
C ARG A 85 -19.79 -6.63 -0.39
N SER A 86 -19.50 -7.73 0.30
CA SER A 86 -18.63 -7.65 1.48
C SER A 86 -17.26 -7.08 1.12
N LEU A 87 -16.69 -7.55 0.00
CA LEU A 87 -15.40 -7.02 -0.42
C LEU A 87 -15.51 -5.55 -0.80
N ILE A 88 -16.56 -5.18 -1.55
CA ILE A 88 -16.74 -3.78 -1.91
C ILE A 88 -16.84 -2.91 -0.67
N ALA A 89 -17.69 -3.33 0.28
CA ALA A 89 -17.99 -2.53 1.46
C ALA A 89 -16.81 -2.38 2.41
N SER A 90 -15.76 -3.19 2.25
CA SER A 90 -14.59 -3.02 3.09
C SER A 90 -13.44 -2.39 2.31
N GLY A 91 -13.73 -1.83 1.15
CA GLY A 91 -12.77 -1.06 0.40
C GLY A 91 -11.89 -1.85 -0.53
N LEU A 92 -12.13 -3.16 -0.67
CA LEU A 92 -11.16 -3.96 -1.40
C LEU A 92 -11.32 -3.86 -2.89
N TYR A 93 -12.36 -3.16 -3.38
CA TYR A 93 -12.48 -2.89 -4.81
C TYR A 93 -12.14 -1.45 -5.14
N GLY A 94 -11.57 -0.71 -4.20
CA GLY A 94 -11.20 0.66 -4.45
C GLY A 94 -9.72 1.01 -4.33
N TYR A 95 -8.96 0.27 -3.50
CA TYR A 95 -7.63 0.75 -3.13
C TYR A 95 -6.64 0.67 -4.30
N ASN A 96 -6.78 -0.35 -5.17
CA ASN A 96 -5.93 -0.43 -6.34
C ASN A 96 -6.15 0.76 -7.28
N ALA A 97 -7.41 1.20 -7.43
CA ALA A 97 -7.69 2.39 -8.23
C ALA A 97 -7.28 3.68 -7.53
N THR A 98 -7.23 3.68 -6.18
CA THR A 98 -6.61 4.81 -5.49
C THR A 98 -5.17 4.98 -5.96
N LEU A 99 -4.39 3.91 -5.88
CA LEU A 99 -3.01 3.98 -6.33
C LEU A 99 -2.91 4.35 -7.81
N VAL A 100 -3.77 3.76 -8.66
CA VAL A 100 -3.81 4.10 -10.08
C VAL A 100 -3.97 5.62 -10.29
N GLY A 101 -4.99 6.22 -9.66
CA GLY A 101 -5.19 7.65 -9.85
C GLY A 101 -4.01 8.50 -9.37
N VAL A 102 -3.52 8.21 -8.16
CA VAL A 102 -2.42 9.03 -7.63
C VAL A 102 -1.18 8.89 -8.50
N LEU A 103 -0.76 7.64 -8.77
CA LEU A 103 0.52 7.43 -9.45
C LEU A 103 0.46 7.73 -10.93
N MET A 104 -0.72 7.68 -11.57
CA MET A 104 -0.82 8.27 -12.89
C MET A 104 -0.53 9.76 -12.83
N ALA A 105 -1.10 10.47 -11.84
CA ALA A 105 -0.71 11.87 -11.69
C ALA A 105 0.81 12.00 -11.48
N VAL A 106 1.38 11.15 -10.61
CA VAL A 106 2.80 11.28 -10.24
C VAL A 106 3.70 11.05 -11.45
N PHE A 107 3.39 10.07 -12.30
CA PHE A 107 4.26 9.77 -13.44
C PHE A 107 3.86 10.50 -14.73
N SER A 108 2.91 11.42 -14.67
CA SER A 108 2.60 12.19 -15.86
C SER A 108 3.71 13.21 -16.10
N ASP A 109 3.97 13.49 -17.36
CA ASP A 109 4.99 14.45 -17.75
C ASP A 109 4.38 15.79 -18.11
N LYS A 110 3.08 15.95 -17.84
CA LYS A 110 2.35 17.17 -18.18
C LYS A 110 2.05 18.05 -16.98
N GLY A 111 2.34 17.59 -15.76
CA GLY A 111 2.24 18.46 -14.60
C GLY A 111 0.85 18.52 -14.00
N ASP A 112 0.76 19.33 -12.95
CA ASP A 112 -0.47 19.48 -12.19
C ASP A 112 -1.60 20.00 -13.07
N TYR A 113 -2.79 19.44 -12.85
CA TYR A 113 -4.01 19.94 -13.47
C TYR A 113 -3.95 19.83 -15.00
N PHE A 114 -3.42 18.72 -15.48
CA PHE A 114 -3.59 18.34 -16.87
C PHE A 114 -4.93 17.64 -16.95
N TRP A 115 -5.98 18.39 -17.27
CA TRP A 115 -7.34 17.88 -17.05
C TRP A 115 -7.65 16.67 -17.94
N TRP A 116 -7.06 16.61 -19.13
CA TRP A 116 -7.24 15.47 -20.02
C TRP A 116 -6.88 14.17 -19.33
N LEU A 117 -5.95 14.23 -18.37
CA LEU A 117 -5.54 13.04 -17.64
C LEU A 117 -6.70 12.34 -16.95
N LEU A 118 -7.81 13.05 -16.70
CA LEU A 118 -8.91 12.36 -16.03
C LEU A 118 -9.52 11.28 -16.91
N LEU A 119 -9.37 11.37 -18.24
CA LEU A 119 -9.83 10.29 -19.11
C LEU A 119 -9.07 8.99 -18.85
N PRO A 120 -7.74 8.92 -19.03
CA PRO A 120 -7.08 7.64 -18.72
C PRO A 120 -7.22 7.25 -17.26
N VAL A 121 -7.31 8.21 -16.34
CA VAL A 121 -7.50 7.87 -14.93
C VAL A 121 -8.79 7.08 -14.77
N CYS A 122 -9.88 7.57 -15.39
CA CYS A 122 -11.13 6.80 -15.40
C CYS A 122 -10.94 5.45 -16.09
N ALA A 123 -10.30 5.45 -17.27
CA ALA A 123 -10.23 4.22 -18.05
C ALA A 123 -9.54 3.12 -17.26
N MET A 124 -8.36 3.42 -16.73
CA MET A 124 -7.59 2.43 -16.00
C MET A 124 -8.27 2.10 -14.69
N SER A 125 -9.02 3.05 -14.11
CA SER A 125 -9.73 2.72 -12.88
C SER A 125 -10.82 1.71 -13.16
N MET A 126 -11.44 1.78 -14.35
CA MET A 126 -12.48 0.82 -14.67
C MET A 126 -11.90 -0.58 -14.82
N THR A 127 -10.59 -0.71 -15.12
CA THR A 127 -9.99 -2.03 -15.23
C THR A 127 -9.61 -2.62 -13.87
N CYS A 128 -9.56 -1.79 -12.79
CA CYS A 128 -9.03 -2.34 -11.54
C CYS A 128 -9.93 -3.44 -10.97
N PRO A 129 -11.27 -3.31 -11.00
CA PRO A 129 -12.11 -4.43 -10.55
C PRO A 129 -11.87 -5.69 -11.37
N ILE A 130 -11.65 -5.53 -12.67
CA ILE A 130 -11.45 -6.69 -13.52
C ILE A 130 -10.16 -7.41 -13.14
N PHE A 131 -9.05 -6.68 -13.17
CA PHE A 131 -7.81 -7.18 -12.60
C PHE A 131 -8.04 -7.76 -11.21
N SER A 132 -8.82 -7.06 -10.37
CA SER A 132 -8.99 -7.52 -8.99
C SER A 132 -9.79 -8.82 -8.93
N SER A 133 -10.83 -8.92 -9.76
CA SER A 133 -11.68 -10.11 -9.71
C SER A 133 -10.92 -11.33 -10.20
N ALA A 134 -10.25 -11.20 -11.35
CA ALA A 134 -9.48 -12.28 -11.95
C ALA A 134 -8.41 -12.78 -10.98
N LEU A 135 -7.56 -11.87 -10.51
CA LEU A 135 -6.53 -12.25 -9.55
C LEU A 135 -7.14 -12.88 -8.31
N ASN A 136 -8.26 -12.33 -7.81
CA ASN A 136 -8.80 -12.92 -6.59
C ASN A 136 -9.23 -14.34 -6.87
N SER A 137 -9.83 -14.55 -8.05
CA SER A 137 -10.35 -15.87 -8.35
C SER A 137 -9.23 -16.89 -8.35
N VAL A 138 -8.01 -16.47 -8.68
CA VAL A 138 -6.87 -17.39 -8.59
C VAL A 138 -6.34 -17.46 -7.17
N LEU A 139 -6.01 -16.31 -6.58
CA LEU A 139 -5.17 -16.37 -5.39
C LEU A 139 -5.98 -16.86 -4.19
N SER A 140 -7.26 -16.54 -4.14
CA SER A 140 -8.09 -17.00 -3.05
C SER A 140 -8.16 -18.52 -2.99
N LYS A 141 -7.78 -19.23 -4.05
CA LYS A 141 -7.83 -20.68 -3.94
C LYS A 141 -6.70 -21.20 -3.07
N TRP A 142 -5.60 -20.46 -2.97
CA TRP A 142 -4.48 -20.74 -2.08
C TRP A 142 -4.60 -19.96 -0.77
N ASP A 143 -5.78 -19.36 -0.53
CA ASP A 143 -5.99 -18.44 0.58
C ASP A 143 -4.94 -17.32 0.60
N LEU A 144 -4.69 -16.72 -0.56
CA LEU A 144 -3.78 -15.58 -0.59
C LEU A 144 -4.49 -14.30 -1.03
N PRO A 145 -4.02 -13.13 -0.60
CA PRO A 145 -4.61 -11.88 -1.07
C PRO A 145 -4.00 -11.43 -2.40
N VAL A 146 -4.67 -10.48 -3.06
CA VAL A 146 -4.16 -9.96 -4.32
C VAL A 146 -3.18 -8.81 -4.10
N PHE A 147 -3.16 -8.20 -2.91
CA PHE A 147 -2.25 -7.12 -2.55
C PHE A 147 -2.46 -6.00 -3.58
N THR A 148 -1.41 -5.39 -4.13
CA THR A 148 -1.55 -4.36 -5.14
C THR A 148 -1.16 -4.84 -6.52
N LEU A 149 -1.26 -6.14 -6.77
CA LEU A 149 -1.03 -6.63 -8.13
C LEU A 149 -1.98 -5.98 -9.14
N PRO A 150 -3.29 -5.78 -8.84
CA PRO A 150 -4.15 -5.09 -9.81
C PRO A 150 -3.60 -3.74 -10.20
N PHE A 151 -3.24 -2.93 -9.20
CA PHE A 151 -2.70 -1.60 -9.49
C PHE A 151 -1.43 -1.70 -10.33
N ASN A 152 -0.52 -2.61 -9.97
CA ASN A 152 0.78 -2.65 -10.63
C ASN A 152 0.64 -3.12 -12.06
N MET A 153 -0.29 -4.03 -12.31
CA MET A 153 -0.55 -4.48 -13.67
C MET A 153 -1.16 -3.34 -14.48
N ALA A 154 -2.16 -2.67 -13.90
CA ALA A 154 -2.81 -1.57 -14.60
C ALA A 154 -1.79 -0.48 -14.92
N LEU A 155 -0.90 -0.18 -13.99
CA LEU A 155 0.04 0.93 -14.18
C LEU A 155 1.15 0.56 -15.16
N SER A 156 1.70 -0.66 -15.06
CA SER A 156 2.73 -1.07 -16.02
C SER A 156 2.17 -1.07 -17.43
N MET A 157 0.90 -1.48 -17.56
CA MET A 157 0.27 -1.50 -18.87
C MET A 157 0.04 -0.08 -19.40
N TYR A 158 -0.49 0.80 -18.55
CA TYR A 158 -0.73 2.18 -18.98
C TYR A 158 0.58 2.87 -19.34
N LEU A 159 1.60 2.75 -18.48
CA LEU A 159 2.83 3.47 -18.71
C LEU A 159 3.59 2.91 -19.91
N SER A 160 3.49 1.59 -20.15
CA SER A 160 4.09 1.04 -21.38
C SER A 160 3.36 1.53 -22.61
N ALA A 161 2.03 1.73 -22.51
CA ALA A 161 1.24 2.08 -23.69
C ALA A 161 1.45 3.53 -24.08
N THR A 162 1.61 4.40 -23.09
CA THR A 162 1.88 5.80 -23.37
C THR A 162 3.37 6.00 -23.58
N GLY A 163 4.17 5.71 -22.54
CA GLY A 163 5.58 5.99 -22.64
C GLY A 163 5.86 7.49 -22.66
N HIS A 164 7.12 7.81 -22.86
CA HIS A 164 7.55 9.19 -22.81
C HIS A 164 7.17 9.97 -24.06
N TYR A 165 6.99 9.29 -25.19
CA TYR A 165 6.82 9.97 -26.47
C TYR A 165 5.37 10.03 -26.92
N ASN A 166 4.42 9.73 -26.05
CA ASN A 166 3.04 9.79 -26.47
C ASN A 166 2.62 11.24 -26.70
N PRO A 167 2.06 11.59 -27.86
CA PRO A 167 1.67 13.01 -28.08
C PRO A 167 0.62 13.54 -27.11
N PHE A 168 -0.24 12.69 -26.51
CA PHE A 168 -1.34 13.13 -25.64
C PHE A 168 -1.02 12.98 -24.15
N PHE A 169 -0.55 11.80 -23.73
CA PHE A 169 -0.34 11.49 -22.32
C PHE A 169 1.09 10.98 -22.15
N PRO A 170 2.08 11.86 -22.31
CA PRO A 170 3.46 11.42 -22.11
C PRO A 170 3.74 11.14 -20.64
N ALA A 171 4.56 10.12 -20.39
CA ALA A 171 4.99 9.81 -19.05
C ALA A 171 6.35 10.43 -18.78
N LYS A 172 6.73 10.45 -17.51
CA LYS A 172 8.09 10.87 -17.17
C LYS A 172 9.09 9.88 -17.76
N LEU A 173 10.21 10.40 -18.22
CA LEU A 173 11.25 9.53 -18.75
C LEU A 173 11.96 8.81 -17.61
N VAL A 174 12.02 7.48 -17.68
CA VAL A 174 12.80 6.68 -16.74
C VAL A 174 14.10 6.25 -17.41
N ILE A 175 15.22 6.59 -16.79
CA ILE A 175 16.53 6.39 -17.40
C ILE A 175 17.31 5.41 -16.52
N PRO A 176 17.78 4.29 -17.06
CA PRO A 176 18.62 3.39 -16.26
C PRO A 176 19.95 4.02 -15.90
N ILE A 177 20.52 3.58 -14.78
CA ILE A 177 21.86 4.00 -14.38
C ILE A 177 22.90 3.53 -15.41
N THR A 178 23.89 4.37 -15.70
CA THR A 178 25.01 3.95 -16.54
C THR A 178 26.33 4.50 -16.05
N THR A 179 26.37 5.15 -14.89
CA THR A 179 27.62 5.50 -14.24
C THR A 179 27.46 5.22 -12.75
N ALA A 180 28.58 4.84 -12.12
CA ALA A 180 28.60 4.66 -10.68
C ALA A 180 28.36 6.01 -9.99
N PRO A 181 27.42 6.09 -9.05
CA PRO A 181 27.18 7.36 -8.36
C PRO A 181 28.36 7.68 -7.46
N GLN A 182 28.93 8.88 -7.63
CA GLN A 182 29.93 9.34 -6.68
C GLN A 182 29.28 9.44 -5.30
N ILE A 183 29.91 8.83 -4.31
CA ILE A 183 29.35 8.71 -2.96
C ILE A 183 30.31 9.42 -2.00
N SER A 184 29.82 10.45 -1.31
CA SER A 184 30.62 11.17 -0.31
C SER A 184 29.96 10.95 1.05
N TRP A 185 30.50 10.01 1.81
CA TRP A 185 29.89 9.55 3.05
C TRP A 185 29.95 10.59 4.17
N SER A 186 30.86 11.56 4.08
CA SER A 186 30.97 12.59 5.10
C SER A 186 29.74 13.48 5.17
N ASP A 187 28.97 13.56 4.08
CA ASP A 187 27.77 14.38 4.02
C ASP A 187 26.53 13.66 4.54
N LEU A 188 26.67 12.40 4.95
CA LEU A 188 25.52 11.67 5.49
C LEU A 188 24.93 12.40 6.68
N SER A 189 23.62 12.62 6.64
CA SER A 189 22.92 13.44 7.62
C SER A 189 22.00 12.54 8.44
N ALA A 190 22.24 12.51 9.76
CA ALA A 190 21.37 11.71 10.62
C ALA A 190 19.95 12.28 10.68
N LEU A 191 19.83 13.60 10.63
CA LEU A 191 18.50 14.20 10.64
C LEU A 191 17.70 13.81 9.40
N GLU A 192 18.35 13.81 8.23
CA GLU A 192 17.68 13.45 6.99
C GLU A 192 17.34 11.96 6.94
N LEU A 193 18.19 11.10 7.52
CA LEU A 193 17.84 9.68 7.56
C LEU A 193 16.66 9.44 8.48
N LEU A 194 16.64 10.10 9.64
CA LEU A 194 15.46 10.03 10.49
C LEU A 194 14.21 10.48 9.73
N LYS A 195 14.32 11.60 9.03
CA LYS A 195 13.22 12.10 8.21
C LYS A 195 12.80 11.10 7.13
N SER A 196 13.74 10.28 6.64
CA SER A 196 13.40 9.33 5.58
C SER A 196 12.42 8.24 6.04
N ILE A 197 12.17 8.09 7.34
CA ILE A 197 11.28 7.04 7.81
C ILE A 197 9.83 7.41 7.46
N PRO A 198 9.31 8.57 7.91
CA PRO A 198 7.97 8.97 7.45
C PRO A 198 7.87 9.15 5.95
N VAL A 199 8.89 9.70 5.28
CA VAL A 199 8.86 9.81 3.82
C VAL A 199 8.70 8.45 3.17
N GLY A 200 9.40 7.43 3.68
CA GLY A 200 9.24 6.09 3.14
C GLY A 200 7.82 5.60 3.28
N VAL A 201 7.16 5.94 4.40
CA VAL A 201 5.75 5.60 4.49
C VAL A 201 4.93 6.41 3.49
N GLY A 202 5.26 7.68 3.31
CA GLY A 202 4.50 8.54 2.40
C GLY A 202 4.56 8.08 0.96
N GLN A 203 5.68 7.48 0.56
CA GLN A 203 5.84 7.03 -0.82
C GLN A 203 4.97 5.81 -1.14
N ILE A 204 4.32 5.21 -0.14
CA ILE A 204 3.31 4.20 -0.43
C ILE A 204 2.24 4.77 -1.36
N TYR A 205 1.91 6.07 -1.22
CA TYR A 205 1.01 6.77 -2.13
C TYR A 205 1.78 7.74 -3.02
N GLY A 206 3.06 7.45 -3.26
CA GLY A 206 3.89 8.32 -4.08
C GLY A 206 4.17 9.70 -3.52
N CYS A 207 4.08 9.89 -2.21
CA CYS A 207 4.21 11.21 -1.61
C CYS A 207 5.56 11.33 -0.90
N ASP A 208 6.27 12.41 -1.19
CA ASP A 208 7.59 12.63 -0.65
C ASP A 208 7.59 13.62 0.50
N ASN A 209 6.48 14.32 0.71
CA ASN A 209 6.37 15.32 1.79
C ASN A 209 6.45 14.65 3.15
N PRO A 210 7.41 15.01 4.02
CA PRO A 210 7.52 14.32 5.33
C PRO A 210 6.26 14.45 6.19
N TRP A 211 5.58 15.60 6.14
CA TRP A 211 4.33 15.79 6.87
C TRP A 211 3.26 14.82 6.41
N THR A 212 3.24 14.51 5.11
CA THR A 212 2.26 13.57 4.58
C THR A 212 2.53 12.16 5.08
N GLY A 213 3.81 11.75 5.08
CA GLY A 213 4.16 10.47 5.65
C GLY A 213 3.79 10.40 7.12
N GLY A 214 4.00 11.49 7.86
CA GLY A 214 3.59 11.51 9.25
C GLY A 214 2.09 11.38 9.43
N ILE A 215 1.32 12.07 8.58
CA ILE A 215 -0.14 11.92 8.60
C ILE A 215 -0.55 10.48 8.28
N PHE A 216 0.11 9.85 7.31
CA PHE A 216 -0.20 8.45 7.01
C PHE A 216 0.08 7.56 8.21
N LEU A 217 1.21 7.79 8.87
CA LEU A 217 1.53 7.01 10.07
C LEU A 217 0.47 7.21 11.13
N GLY A 218 -0.04 8.44 11.29
CA GLY A 218 -1.09 8.68 12.26
C GLY A 218 -2.41 8.00 11.89
N ALA A 219 -2.70 7.91 10.59
CA ALA A 219 -3.86 7.17 10.14
C ALA A 219 -3.74 5.70 10.53
N ILE A 220 -2.60 5.09 10.23
CA ILE A 220 -2.36 3.70 10.59
C ILE A 220 -2.44 3.54 12.11
N LEU A 221 -1.75 4.41 12.86
CA LEU A 221 -1.75 4.35 14.31
C LEU A 221 -3.17 4.36 14.84
N LEU A 222 -4.00 5.29 14.36
CA LEU A 222 -5.39 5.38 14.80
C LEU A 222 -6.12 4.07 14.58
N SER A 223 -5.84 3.38 13.46
CA SER A 223 -6.47 2.08 13.33
C SER A 223 -5.78 1.03 14.21
N SER A 224 -4.44 0.98 14.20
CA SER A 224 -3.75 -0.11 14.89
C SER A 224 -2.31 0.23 15.27
N PRO A 225 -1.98 0.28 16.57
CA PRO A 225 -0.59 0.63 16.92
C PRO A 225 0.45 -0.34 16.38
N LEU A 226 0.14 -1.64 16.34
CA LEU A 226 1.11 -2.60 15.83
C LEU A 226 1.41 -2.36 14.36
N MET A 227 0.36 -2.08 13.57
CA MET A 227 0.57 -1.83 12.15
C MET A 227 1.44 -0.59 11.94
N CYS A 228 1.26 0.41 12.80
CA CYS A 228 2.01 1.65 12.67
C CYS A 228 3.49 1.42 13.03
N LEU A 229 3.72 0.68 14.12
CA LEU A 229 5.06 0.25 14.47
C LEU A 229 5.75 -0.43 13.30
N HIS A 230 5.04 -1.37 12.65
CA HIS A 230 5.67 -2.14 11.60
C HIS A 230 5.87 -1.32 10.33
N ALA A 231 4.95 -0.38 10.04
CA ALA A 231 5.19 0.57 8.95
C ALA A 231 6.50 1.32 9.15
N ALA A 232 6.68 1.92 10.35
CA ALA A 232 7.89 2.68 10.64
C ALA A 232 9.13 1.80 10.53
N ILE A 233 9.10 0.62 11.19
CA ILE A 233 10.26 -0.27 11.18
C ILE A 233 10.62 -0.69 9.76
N GLY A 234 9.64 -1.05 8.95
CA GLY A 234 9.94 -1.46 7.58
C GLY A 234 10.52 -0.34 6.73
N SER A 235 10.01 0.90 6.90
CA SER A 235 10.65 2.04 6.27
C SER A 235 12.13 2.14 6.68
N LEU A 236 12.37 2.05 7.99
CA LEU A 236 13.74 2.08 8.51
C LEU A 236 14.61 0.99 7.89
N LEU A 237 14.10 -0.23 7.80
CA LEU A 237 14.88 -1.32 7.25
C LEU A 237 15.22 -1.05 5.79
N GLY A 238 14.28 -0.47 5.03
CA GLY A 238 14.59 -0.03 3.68
C GLY A 238 15.74 0.96 3.63
N ILE A 239 15.76 1.91 4.58
CA ILE A 239 16.89 2.84 4.66
C ILE A 239 18.21 2.06 4.84
N ALA A 240 18.22 1.13 5.81
CA ALA A 240 19.43 0.38 6.10
C ALA A 240 19.91 -0.41 4.88
N ALA A 241 18.99 -1.07 4.19
CA ALA A 241 19.31 -1.75 2.94
C ALA A 241 19.95 -0.80 1.94
N GLY A 242 19.28 0.34 1.67
CA GLY A 242 19.85 1.34 0.77
C GLY A 242 21.29 1.67 1.08
N LEU A 243 21.60 1.88 2.37
CA LEU A 243 22.98 2.17 2.77
C LEU A 243 23.88 0.95 2.61
N SER A 244 23.35 -0.26 2.78
CA SER A 244 24.15 -1.47 2.59
C SER A 244 24.58 -1.65 1.13
N LEU A 245 23.83 -1.05 0.20
CA LEU A 245 24.11 -1.11 -1.24
C LEU A 245 24.65 0.22 -1.77
N SER A 246 25.03 1.13 -0.88
CA SER A 246 25.69 2.39 -1.24
C SER A 246 24.82 3.22 -2.17
N ALA A 247 23.51 3.16 -1.96
CA ALA A 247 22.58 3.95 -2.77
C ALA A 247 22.83 5.45 -2.60
N PRO A 248 22.58 6.23 -3.65
CA PRO A 248 22.67 7.69 -3.50
C PRO A 248 21.71 8.19 -2.42
N PHE A 249 22.24 9.03 -1.53
CA PHE A 249 21.49 9.56 -0.41
C PHE A 249 20.17 10.20 -0.83
N GLU A 250 20.16 10.90 -1.97
CA GLU A 250 18.93 11.52 -2.46
C GLU A 250 17.78 10.53 -2.55
N ASN A 251 18.06 9.30 -3.00
CA ASN A 251 16.98 8.35 -3.21
C ASN A 251 16.44 7.85 -1.88
N ILE A 252 17.32 7.65 -0.90
CA ILE A 252 16.89 7.27 0.44
C ILE A 252 16.05 8.39 1.05
N TYR A 253 16.58 9.62 1.05
CA TYR A 253 15.89 10.79 1.59
C TYR A 253 14.51 10.97 0.98
N PHE A 254 14.34 10.58 -0.28
CA PHE A 254 13.08 10.71 -0.97
C PHE A 254 12.13 9.57 -0.65
N GLY A 255 12.56 8.59 0.13
CA GLY A 255 11.68 7.52 0.56
C GLY A 255 11.58 6.36 -0.39
N LEU A 256 12.37 6.37 -1.47
CA LEU A 256 12.29 5.34 -2.51
C LEU A 256 12.74 3.97 -2.00
N TRP A 257 13.55 3.94 -0.95
CA TRP A 257 13.95 2.67 -0.38
C TRP A 257 13.00 2.17 0.71
N GLY A 258 11.97 2.94 1.06
CA GLY A 258 11.18 2.60 2.23
C GLY A 258 9.75 2.15 2.04
N PHE A 259 9.13 2.42 0.89
CA PHE A 259 7.69 2.19 0.83
C PHE A 259 7.34 0.70 0.65
N ASN A 260 8.15 -0.02 -0.14
CA ASN A 260 7.91 -1.45 -0.33
C ASN A 260 8.18 -2.24 0.94
N SER A 261 9.33 -2.01 1.58
CA SER A 261 9.62 -2.72 2.82
C SER A 261 8.64 -2.32 3.93
N SER A 262 8.13 -1.08 3.93
CA SER A 262 7.09 -0.72 4.89
C SER A 262 5.84 -1.56 4.68
N LEU A 263 5.39 -1.67 3.42
CA LEU A 263 4.19 -2.44 3.15
C LEU A 263 4.38 -3.92 3.53
N ALA A 264 5.52 -4.50 3.16
CA ALA A 264 5.80 -5.89 3.52
C ALA A 264 5.83 -6.08 5.04
N CYS A 265 6.40 -5.12 5.76
CA CYS A 265 6.50 -5.27 7.21
C CYS A 265 5.12 -5.19 7.87
N ILE A 266 4.26 -4.28 7.40
CA ILE A 266 2.88 -4.28 7.90
C ILE A 266 2.22 -5.64 7.62
N ALA A 267 2.25 -6.09 6.36
CA ALA A 267 1.56 -7.31 5.98
C ALA A 267 2.01 -8.50 6.83
N MET A 268 3.33 -8.67 6.99
CA MET A 268 3.87 -9.84 7.68
C MET A 268 3.81 -9.71 9.19
N GLY A 269 3.86 -8.48 9.70
CA GLY A 269 3.97 -8.24 11.12
C GLY A 269 2.63 -8.24 11.84
N GLY A 270 1.92 -9.36 11.84
CA GLY A 270 0.67 -9.48 12.57
C GLY A 270 -0.58 -9.43 11.73
N MET A 271 -0.47 -9.01 10.46
CA MET A 271 -1.64 -8.85 9.60
C MET A 271 -2.03 -10.18 8.95
N PHE A 272 -1.18 -10.70 8.06
CA PHE A 272 -1.44 -11.97 7.41
C PHE A 272 -0.68 -13.14 8.05
N MET A 273 0.18 -12.84 9.02
CA MET A 273 0.71 -13.83 9.94
C MET A 273 0.36 -13.38 11.34
N ALA A 274 -0.05 -14.31 12.20
CA ALA A 274 -0.28 -13.96 13.59
C ALA A 274 1.02 -13.48 14.24
N LEU A 275 0.92 -12.44 15.06
CA LEU A 275 2.10 -11.79 15.62
C LEU A 275 2.62 -12.59 16.80
N THR A 276 3.80 -13.18 16.65
CA THR A 276 4.60 -13.75 17.73
C THR A 276 6.00 -13.20 17.56
N TRP A 277 6.88 -13.48 18.53
CA TRP A 277 8.23 -12.98 18.35
C TRP A 277 8.89 -13.59 17.12
N GLN A 278 8.55 -14.84 16.80
CA GLN A 278 9.08 -15.47 15.59
C GLN A 278 8.61 -14.78 14.33
N THR A 279 7.31 -14.45 14.24
CA THR A 279 6.85 -13.80 13.00
C THR A 279 7.23 -12.33 12.96
N HIS A 280 7.46 -11.71 14.12
CA HIS A 280 8.05 -10.37 14.14
C HIS A 280 9.44 -10.38 13.48
N LEU A 281 10.31 -11.31 13.89
CA LEU A 281 11.61 -11.42 13.22
C LEU A 281 11.44 -11.76 11.74
N LEU A 282 10.52 -12.68 11.43
CA LEU A 282 10.27 -13.01 10.02
C LEU A 282 9.84 -11.79 9.21
N ALA A 283 9.02 -10.92 9.81
CA ALA A 283 8.59 -9.71 9.13
C ALA A 283 9.74 -8.74 8.93
N LEU A 284 10.64 -8.62 9.90
CA LEU A 284 11.83 -7.79 9.68
C LEU A 284 12.67 -8.34 8.53
N GLY A 285 12.89 -9.65 8.51
CA GLY A 285 13.58 -10.27 7.40
C GLY A 285 12.90 -9.99 6.08
N CYS A 286 11.57 -10.11 6.05
CA CYS A 286 10.81 -9.91 4.82
C CYS A 286 10.90 -8.46 4.35
N ALA A 287 10.84 -7.51 5.28
CA ALA A 287 11.02 -6.10 4.92
C ALA A 287 12.40 -5.87 4.28
N LEU A 288 13.47 -6.35 4.91
CA LEU A 288 14.80 -6.23 4.31
C LEU A 288 14.86 -6.85 2.91
N PHE A 289 14.44 -8.13 2.81
CA PHE A 289 14.41 -8.83 1.53
C PHE A 289 13.67 -8.02 0.48
N THR A 290 12.54 -7.43 0.87
CA THR A 290 11.70 -6.65 -0.03
C THR A 290 12.42 -5.40 -0.49
N ALA A 291 13.18 -4.75 0.39
CA ALA A 291 13.96 -3.59 -0.05
C ALA A 291 15.00 -3.99 -1.10
N TYR A 292 15.67 -5.13 -0.88
CA TYR A 292 16.65 -5.57 -1.88
C TYR A 292 15.98 -5.91 -3.21
N LEU A 293 14.85 -6.62 -3.17
CA LEU A 293 14.06 -6.90 -4.37
C LEU A 293 13.56 -5.60 -5.01
N GLY A 294 13.27 -4.59 -4.19
CA GLY A 294 12.82 -3.32 -4.71
C GLY A 294 13.85 -2.68 -5.60
N VAL A 295 15.09 -2.64 -5.15
CA VAL A 295 16.09 -2.00 -6.00
C VAL A 295 16.36 -2.87 -7.23
N GLY A 296 16.32 -4.20 -7.08
CA GLY A 296 16.56 -5.04 -8.25
C GLY A 296 15.52 -4.81 -9.34
N MET A 297 14.24 -4.75 -8.94
CA MET A 297 13.15 -4.53 -9.89
C MET A 297 13.15 -3.11 -10.42
N ALA A 298 13.56 -2.12 -9.62
CA ALA A 298 13.71 -0.77 -10.18
C ALA A 298 14.76 -0.73 -11.30
N ASN A 299 15.91 -1.40 -11.09
CA ASN A 299 16.92 -1.44 -12.15
C ASN A 299 16.41 -2.18 -13.38
N PHE A 300 15.82 -3.36 -13.17
CA PHE A 300 15.33 -4.18 -14.27
C PHE A 300 14.27 -3.43 -15.05
N MET A 301 13.29 -2.84 -14.35
CA MET A 301 12.19 -2.13 -15.02
C MET A 301 12.68 -0.87 -15.70
N ALA A 302 13.74 -0.21 -15.15
CA ALA A 302 14.24 0.97 -15.83
C ALA A 302 14.80 0.60 -17.18
N GLU A 303 15.35 -0.62 -17.30
CA GLU A 303 15.77 -1.06 -18.63
C GLU A 303 14.63 -1.08 -19.64
N VAL A 304 13.37 -1.08 -19.21
CA VAL A 304 12.29 -1.00 -20.20
C VAL A 304 11.47 0.27 -20.02
N GLY A 305 11.96 1.24 -19.26
CA GLY A 305 11.31 2.52 -19.16
C GLY A 305 10.24 2.62 -18.11
N LEU A 306 10.12 1.63 -17.19
CA LEU A 306 9.03 1.61 -16.22
C LEU A 306 9.53 1.85 -14.82
N PRO A 307 8.69 2.40 -13.93
CA PRO A 307 8.98 2.31 -12.50
C PRO A 307 8.61 0.91 -11.99
N ALA A 308 9.16 0.54 -10.83
CA ALA A 308 8.75 -0.73 -10.24
C ALA A 308 7.53 -0.62 -9.36
N CYS A 309 7.20 0.60 -8.89
CA CYS A 309 6.19 0.82 -7.86
C CYS A 309 6.20 -0.26 -6.78
N THR A 310 5.11 -0.99 -6.59
CA THR A 310 5.09 -1.98 -5.50
C THR A 310 4.99 -3.42 -6.01
N TRP A 311 5.33 -3.68 -7.27
CA TRP A 311 5.71 -5.05 -7.64
C TRP A 311 6.62 -5.72 -6.61
N PRO A 312 7.67 -5.07 -6.09
CA PRO A 312 8.52 -5.78 -5.11
C PRO A 312 7.76 -6.24 -3.87
N PHE A 313 6.95 -5.36 -3.29
CA PHE A 313 6.16 -5.74 -2.12
C PHE A 313 5.25 -6.93 -2.42
N CYS A 314 4.54 -6.88 -3.55
CA CYS A 314 3.59 -7.95 -3.85
C CYS A 314 4.30 -9.28 -4.01
N LEU A 315 5.40 -9.29 -4.79
CA LEU A 315 6.04 -10.56 -5.08
C LEU A 315 6.70 -11.13 -3.84
N ALA A 316 7.46 -10.28 -3.12
CA ALA A 316 8.13 -10.71 -1.90
C ALA A 316 7.14 -11.22 -0.85
N THR A 317 6.06 -10.47 -0.58
CA THR A 317 5.17 -10.87 0.48
C THR A 317 4.39 -12.12 0.11
N LEU A 318 3.99 -12.26 -1.16
CA LEU A 318 3.38 -13.53 -1.54
C LEU A 318 4.36 -14.67 -1.33
N LEU A 319 5.64 -14.43 -1.65
CA LEU A 319 6.66 -15.48 -1.47
C LEU A 319 6.76 -15.92 -0.01
N PHE A 320 6.83 -14.95 0.91
CA PHE A 320 6.94 -15.30 2.32
C PHE A 320 5.66 -15.95 2.86
N LEU A 321 4.48 -15.59 2.32
CA LEU A 321 3.22 -16.21 2.73
C LEU A 321 3.04 -17.60 2.15
N ILE A 322 3.71 -17.94 1.05
CA ILE A 322 3.60 -19.27 0.47
C ILE A 322 4.61 -20.26 1.07
N MET A 323 5.69 -19.76 1.65
CA MET A 323 6.64 -20.65 2.31
C MET A 323 5.97 -21.41 3.46
N THR A 324 6.23 -22.71 3.57
CA THR A 324 5.79 -23.48 4.73
C THR A 324 6.95 -23.70 5.71
N THR A 325 6.57 -23.96 6.97
CA THR A 325 7.48 -24.35 8.03
C THR A 325 6.74 -25.35 8.91
N LYS A 326 7.50 -26.11 9.69
CA LYS A 326 6.91 -26.97 10.69
C LYS A 326 6.93 -26.32 12.07
N ASN A 327 6.98 -24.99 12.13
CA ASN A 327 7.01 -24.25 13.37
C ASN A 327 5.61 -23.78 13.72
N SER A 328 5.03 -24.35 14.78
CA SER A 328 3.67 -24.03 15.19
C SER A 328 3.51 -22.55 15.52
N ASN A 329 4.59 -21.86 15.89
CA ASN A 329 4.52 -20.44 16.22
C ASN A 329 4.61 -19.53 15.01
N ILE A 330 4.84 -20.06 13.81
CA ILE A 330 4.84 -19.27 12.59
C ILE A 330 3.56 -19.67 11.87
N TYR A 331 2.51 -18.88 12.06
CA TYR A 331 1.15 -19.26 11.71
C TYR A 331 0.56 -18.25 10.75
N LYS A 332 0.09 -18.74 9.61
CA LYS A 332 -0.56 -17.90 8.62
C LYS A 332 -2.06 -17.80 8.93
N MET A 333 -2.58 -16.58 8.85
CA MET A 333 -3.99 -16.33 9.21
C MET A 333 -4.92 -16.82 8.10
N PRO A 334 -5.99 -17.54 8.44
CA PRO A 334 -7.11 -17.70 7.50
C PRO A 334 -7.58 -16.33 7.04
N LEU A 335 -7.71 -16.14 5.72
CA LEU A 335 -8.12 -14.83 5.21
C LEU A 335 -9.48 -14.43 5.77
N SER A 336 -10.40 -15.38 5.89
CA SER A 336 -11.70 -15.07 6.48
C SER A 336 -11.61 -14.60 7.92
N LYS A 337 -10.45 -14.67 8.56
CA LYS A 337 -10.30 -14.25 9.93
C LYS A 337 -9.37 -13.05 10.10
N VAL A 338 -8.83 -12.52 9.00
CA VAL A 338 -7.89 -11.39 9.06
C VAL A 338 -8.66 -10.09 9.32
N THR A 339 -8.36 -9.42 10.43
CA THR A 339 -8.85 -8.05 10.62
C THR A 339 -7.68 -7.08 10.85
N TYR A 340 -7.09 -7.09 12.04
CA TYR A 340 -5.94 -6.23 12.33
C TYR A 340 -5.15 -6.85 13.47
N PRO A 341 -3.83 -6.56 13.57
CA PRO A 341 -2.93 -7.44 14.34
C PRO A 341 -3.33 -7.78 15.77
N GLU A 342 -3.84 -6.81 16.53
CA GLU A 342 -4.30 -7.10 17.89
C GLU A 342 -5.33 -8.21 17.91
N GLU A 343 -6.35 -8.07 17.05
CA GLU A 343 -7.45 -9.02 16.98
C GLU A 343 -6.98 -10.37 16.42
N ASN A 344 -6.18 -10.34 15.36
CA ASN A 344 -5.63 -11.57 14.81
C ASN A 344 -4.86 -12.35 15.88
N ARG A 345 -4.15 -11.64 16.75
CA ARG A 345 -3.36 -12.31 17.77
C ARG A 345 -4.28 -12.95 18.78
N ILE A 346 -5.39 -12.30 19.09
CA ILE A 346 -6.32 -12.96 20.01
C ILE A 346 -6.87 -14.23 19.39
N PHE A 347 -7.18 -14.19 18.09
CA PHE A 347 -7.67 -15.39 17.42
C PHE A 347 -6.63 -16.50 17.49
N TYR A 348 -5.37 -16.16 17.18
CA TYR A 348 -4.31 -17.15 17.19
C TYR A 348 -4.14 -17.79 18.57
N LEU A 349 -4.14 -16.97 19.63
CA LEU A 349 -3.97 -17.51 20.98
C LEU A 349 -5.13 -18.43 21.35
N GLN A 350 -6.35 -18.06 20.95
CA GLN A 350 -7.50 -18.93 21.23
C GLN A 350 -7.37 -20.26 20.49
N ALA A 351 -7.14 -20.20 19.18
CA ALA A 351 -6.97 -21.42 18.40
C ALA A 351 -5.83 -22.28 18.91
N LYS A 352 -4.79 -21.65 19.49
CA LYS A 352 -3.69 -22.42 20.07
C LYS A 352 -4.12 -23.10 21.36
N LYS A 353 -4.93 -22.44 22.18
CA LYS A 353 -5.46 -23.12 23.37
C LYS A 353 -6.36 -24.28 22.97
N ARG A 354 -7.09 -24.15 21.85
CA ARG A 354 -7.88 -25.26 21.33
C ARG A 354 -6.98 -26.40 20.86
N MET A 355 -5.92 -26.06 20.11
CA MET A 355 -4.90 -27.04 19.74
C MET A 355 -4.33 -27.75 20.95
N VAL A 356 -4.21 -27.06 22.08
CA VAL A 356 -3.73 -27.66 23.33
C VAL A 356 -4.91 -28.12 24.17
N GLU A 357 -5.73 -29.00 23.61
CA GLU A 357 -6.83 -29.63 24.34
C GLU A 357 -7.30 -30.89 23.63
C1 BOG B . -2.83 19.21 -25.06
O1 BOG B . -3.64 18.29 -25.75
C2 BOG B . -1.59 19.52 -25.91
O2 BOG B . -0.44 19.58 -25.08
C3 BOG B . -1.75 20.84 -26.64
O3 BOG B . -0.94 20.84 -27.80
C4 BOG B . -3.21 21.07 -27.02
O4 BOG B . -3.33 22.28 -27.76
C5 BOG B . -4.06 21.17 -25.76
O5 BOG B . -3.50 20.40 -24.68
C6 BOG B . -5.49 20.72 -25.96
O6 BOG B . -6.09 21.39 -27.06
C1' BOG B . -3.21 16.93 -25.61
C2' BOG B . -4.39 16.03 -25.29
C3' BOG B . -5.56 16.19 -26.27
C4' BOG B . -6.39 14.92 -26.50
C5' BOG B . -6.70 14.14 -25.25
C6' BOG B . -7.99 13.33 -25.30
C7' BOG B . -8.05 12.24 -26.35
C8' BOG B . -9.09 11.20 -26.02
C1 BOG C . -8.80 -9.11 3.75
O1 BOG C . -8.50 -10.35 3.21
C2 BOG C . -9.66 -9.32 4.99
O2 BOG C . -10.81 -10.08 4.65
C3 BOG C . -10.03 -7.95 5.55
O3 BOG C . -10.73 -8.10 6.78
C4 BOG C . -8.79 -7.10 5.79
O4 BOG C . -9.18 -5.78 6.08
C5 BOG C . -7.92 -7.08 4.55
O5 BOG C . -7.62 -8.41 4.11
C6 BOG C . -6.60 -6.36 4.75
O6 BOG C . -6.08 -5.83 3.54
C1' BOG C . -7.54 -10.30 2.14
C2' BOG C . -8.13 -10.93 0.91
C3' BOG C . -9.01 -9.99 0.12
C4' BOG C . -9.00 -10.25 -1.38
C5' BOG C . -9.83 -9.26 -2.17
C6' BOG C . -9.38 -9.09 -3.59
C7' BOG C . -10.09 -8.02 -4.34
C8' BOG C . -11.46 -8.38 -4.65
C1 BOG D . -8.99 20.99 -20.83
O1 BOG D . -10.11 20.29 -20.35
C2 BOG D . -9.27 22.49 -20.68
O2 BOG D . -10.38 22.82 -21.51
C3 BOG D . -8.05 23.29 -21.12
O3 BOG D . -8.24 24.67 -20.79
C4 BOG D . -6.77 22.79 -20.48
O4 BOG D . -5.64 23.38 -21.13
C5 BOG D . -6.66 21.27 -20.66
O5 BOG D . -7.83 20.64 -20.12
C6 BOG D . -5.46 20.66 -19.95
O6 BOG D . -5.50 20.91 -18.55
C1' BOG D . -10.04 18.88 -20.56
C2' BOG D . -11.26 18.22 -19.94
C3' BOG D . -11.08 16.72 -19.70
C4' BOG D . -12.29 16.06 -19.07
C5' BOG D . -12.07 14.61 -18.69
C6' BOG D . -13.30 13.93 -18.09
C7' BOG D . -13.06 12.51 -17.58
C8' BOG D . -14.32 11.86 -17.01
C1 BOG E . -20.20 7.73 19.63
O1 BOG E . -18.95 8.32 19.37
C2 BOG E . -20.90 7.50 18.30
O2 BOG E . -21.10 8.75 17.64
C3 BOG E . -22.24 6.82 18.55
O3 BOG E . -22.89 6.53 17.32
C4 BOG E . -22.04 5.55 19.37
O4 BOG E . -23.31 4.98 19.69
C5 BOG E . -21.28 5.87 20.66
O5 BOG E . -20.03 6.50 20.32
C6 BOG E . -20.94 4.65 21.48
O6 BOG E . -21.90 4.43 22.52
C1' BOG E . -18.67 9.45 20.20
C2' BOG E . -19.13 10.70 19.51
C3' BOG E . -19.89 11.63 20.44
C4' BOG E . -19.67 13.11 20.16
C5' BOG E . -18.23 13.57 20.37
C6' BOG E . -17.62 13.06 21.68
C7' BOG E . -16.26 13.63 21.99
C8' BOG E . -16.31 15.09 22.40
C1 BOG F . -25.85 -5.15 -10.61
O1 BOG F . -25.90 -3.76 -10.89
C2 BOG F . -25.70 -5.37 -9.10
O2 BOG F . -24.49 -4.78 -8.62
C3 BOG F . -25.69 -6.86 -8.77
O3 BOG F . -25.78 -7.03 -7.36
C4 BOG F . -26.81 -7.62 -9.46
O4 BOG F . -26.57 -9.02 -9.36
C5 BOG F . -26.87 -7.26 -10.94
O5 BOG F . -26.99 -5.84 -11.09
C6 BOG F . -28.05 -7.90 -11.66
O6 BOG F . -27.96 -9.32 -11.66
C1' BOG F . -26.77 -3.01 -10.06
C2' BOG F . -26.01 -1.93 -9.33
C3' BOG F . -25.41 -0.83 -10.18
C4' BOG F . -25.03 0.41 -9.37
C5' BOG F . -23.88 1.23 -9.92
C6' BOG F . -24.31 2.48 -10.68
C7' BOG F . -23.16 3.18 -11.41
C8' BOG F . -23.63 4.10 -12.52
C1 BOG G . -6.37 24.92 -10.77
O1 BOG G . -7.65 24.78 -10.23
C2 BOG G . -6.54 25.42 -12.21
O2 BOG G . -7.24 24.50 -13.02
C3 BOG G . -5.17 25.70 -12.81
O3 BOG G . -5.32 26.21 -14.14
C4 BOG G . -4.43 26.71 -11.93
O4 BOG G . -3.13 26.96 -12.44
C5 BOG G . -4.32 26.15 -10.51
O5 BOG G . -5.63 25.85 -10.00
C6 BOG G . -3.71 27.16 -9.56
O6 BOG G . -3.59 26.64 -8.24
C1' BOG G . -7.65 24.29 -8.88
C2' BOG G . -8.82 23.36 -8.70
C3' BOG G . -8.72 22.52 -7.43
C4' BOG G . -9.67 21.34 -7.35
C5' BOG G . -9.34 20.36 -6.23
C6' BOG G . -10.27 19.16 -6.12
C7' BOG G . -11.60 19.41 -5.43
C8' BOG G . -12.69 19.88 -6.37
C1 BOG H . 34.06 3.44 1.27
O1 BOG H . 34.50 2.88 2.48
C2 BOG H . 35.08 4.49 0.85
O2 BOG H . 35.16 5.51 1.84
C3 BOG H . 34.64 5.09 -0.47
O3 BOG H . 35.60 6.05 -0.88
C4 BOG H . 34.49 3.99 -1.52
O4 BOG H . 33.98 4.53 -2.73
C5 BOG H . 33.52 2.92 -1.01
O5 BOG H . 33.95 2.44 0.27
C6 BOG H . 33.45 1.73 -1.93
O6 BOG H . 33.50 2.10 -3.30
C1' BOG H . 33.59 1.97 3.08
C2' BOG H . 32.38 2.73 3.58
C3' BOG H . 31.52 1.83 4.45
C4' BOG H . 30.19 2.44 4.90
C5' BOG H . 29.13 1.35 5.10
C6' BOG H . 27.76 1.84 5.52
C7' BOG H . 26.74 0.74 5.46
C8' BOG H . 25.55 0.98 6.35
CAA Y01 I . 16.92 -9.96 3.91
CBA Y01 I . 17.43 -11.25 3.23
CAB Y01 I . 18.85 -10.96 2.68
CAN Y01 I . 17.54 -12.36 4.31
CAJ Y01 I . 16.22 -12.52 5.12
CAO Y01 I . 16.56 -13.50 6.31
CBB Y01 I . 15.44 -13.57 7.37
CAC Y01 I . 14.13 -13.92 6.66
CBE Y01 I . 15.87 -14.67 8.35
CAP Y01 I . 17.30 -14.34 8.88
CAQ Y01 I . 17.31 -14.64 10.46
CBG Y01 I . 16.05 -15.52 10.51
CBI Y01 I . 15.02 -14.85 9.58
CAE Y01 I . 14.56 -13.49 10.21
CAU Y01 I . 13.81 -15.83 9.41
CAS Y01 I . 13.26 -16.21 10.77
CBF Y01 I . 14.32 -16.76 11.67
CBD Y01 I . 15.44 -15.75 11.89
CAK Y01 I . 16.57 -16.32 12.77
CAI Y01 I . 16.05 -17.49 13.68
CAZ Y01 I . 14.75 -17.46 14.02
CAV Y01 I . 14.30 -18.15 15.33
CBH Y01 I . 13.66 -17.18 13.00
CAD Y01 I . 12.75 -16.02 13.50
CAT Y01 I . 12.82 -18.43 12.77
CAR Y01 I . 12.30 -19.07 14.08
CBC Y01 I . 13.46 -19.40 15.03
OAW Y01 I . 12.95 -19.86 16.24
CAY Y01 I . 13.33 -21.20 16.49
OAG Y01 I . 13.64 -21.87 15.56
CAM Y01 I . 13.33 -21.78 17.92
CAL Y01 I . 12.15 -21.20 18.74
CAX Y01 I . 10.80 -21.77 18.27
OAH Y01 I . 10.03 -21.06 17.57
OAF Y01 I . 10.42 -22.93 18.60
O1 PG4 J . 8.45 3.05 -8.42
C1 PG4 J . 9.62 3.14 -7.63
C2 PG4 J . 10.21 1.76 -7.32
O2 PG4 J . 10.89 1.75 -6.09
C3 PG4 J . 12.22 2.21 -6.06
C4 PG4 J . 13.03 1.26 -5.15
O3 PG4 J . 14.35 1.71 -4.95
C5 PG4 J . 14.87 2.52 -5.98
C6 PG4 J . 16.38 2.39 -5.99
O4 PG4 J . 16.83 2.11 -7.30
C7 PG4 J . 16.29 2.89 -8.33
C8 PG4 J . 16.97 2.49 -9.65
O5 PG4 J . 16.45 3.27 -10.71
O1 PG4 K . 21.30 -9.99 6.65
C1 PG4 K . 22.59 -10.08 7.20
C2 PG4 K . 23.62 -10.32 6.10
O2 PG4 K . 24.30 -9.12 5.77
C3 PG4 K . 23.66 -8.31 4.82
C4 PG4 K . 24.68 -7.91 3.76
O3 PG4 K . 24.06 -7.15 2.77
C5 PG4 K . 24.27 -7.55 1.44
C6 PG4 K . 23.04 -7.08 0.68
O4 PG4 K . 23.00 -7.56 -0.64
C7 PG4 K . 21.71 -7.92 -1.03
C8 PG4 K . 21.58 -7.82 -2.56
O5 PG4 K . 20.23 -7.72 -2.95
#